data_9DYX
# 
_entry.id   9DYX 
# 
_audit_conform.dict_name       mmcif_pdbx.dic 
_audit_conform.dict_version    5.403 
_audit_conform.dict_location   http://mmcif.pdb.org/dictionaries/ascii/mmcif_pdbx.dic 
# 
loop_
_database_2.database_id 
_database_2.database_code 
_database_2.pdbx_database_accession 
_database_2.pdbx_DOI 
PDB   9DYX         pdb_00009dyx 10.2210/pdb9dyx/pdb 
WWPDB D_1000289108 ?            ?                   
# 
loop_
_pdbx_audit_revision_history.ordinal 
_pdbx_audit_revision_history.data_content_type 
_pdbx_audit_revision_history.major_revision 
_pdbx_audit_revision_history.minor_revision 
_pdbx_audit_revision_history.revision_date 
_pdbx_audit_revision_history.part_number 
1 'Structure model' 1 0 2025-03-26 ? 
2 'Structure model' 1 1 2025-04-16 ? 
# 
_pdbx_audit_revision_details.ordinal             1 
_pdbx_audit_revision_details.revision_ordinal    1 
_pdbx_audit_revision_details.data_content_type   'Structure model' 
_pdbx_audit_revision_details.provider            repository 
_pdbx_audit_revision_details.type                'Initial release' 
_pdbx_audit_revision_details.description         ? 
_pdbx_audit_revision_details.details             ? 
# 
_pdbx_audit_revision_group.ordinal             1 
_pdbx_audit_revision_group.revision_ordinal    2 
_pdbx_audit_revision_group.data_content_type   'Structure model' 
_pdbx_audit_revision_group.group               'Database references' 
# 
loop_
_pdbx_audit_revision_category.ordinal 
_pdbx_audit_revision_category.revision_ordinal 
_pdbx_audit_revision_category.data_content_type 
_pdbx_audit_revision_category.category 
1 2 'Structure model' citation        
2 2 'Structure model' citation_author 
# 
loop_
_pdbx_audit_revision_item.ordinal 
_pdbx_audit_revision_item.revision_ordinal 
_pdbx_audit_revision_item.data_content_type 
_pdbx_audit_revision_item.item 
1 2 'Structure model' '_citation.journal_volume'          
2 2 'Structure model' '_citation.page_first'              
3 2 'Structure model' '_citation.page_last'               
4 2 'Structure model' '_citation_author.identifier_ORCID' 
# 
_pdbx_database_status.status_code                     REL 
_pdbx_database_status.status_code_sf                  REL 
_pdbx_database_status.status_code_mr                  ? 
_pdbx_database_status.entry_id                        9DYX 
_pdbx_database_status.recvd_initial_deposition_date   2024-10-15 
_pdbx_database_status.SG_entry                        N 
_pdbx_database_status.deposit_site                    RCSB 
_pdbx_database_status.process_site                    RCSB 
_pdbx_database_status.status_code_cs                  ? 
_pdbx_database_status.status_code_nmr_data            ? 
_pdbx_database_status.methods_development_category    ? 
_pdbx_database_status.pdb_format_compatible           Y 
# 
_pdbx_contact_author.id                 2 
_pdbx_contact_author.email              jraskato@ucsc.edu 
_pdbx_contact_author.name_first         Jevgenij 
_pdbx_contact_author.name_last          Raskatov 
_pdbx_contact_author.name_mi            A 
_pdbx_contact_author.role               'principal investigator/group leader' 
_pdbx_contact_author.identifier_ORCID   0000-0002-0082-9113 
# 
loop_
_audit_author.name 
_audit_author.pdbx_ordinal 
_audit_author.identifier_ORCID 
'Sawaya, M.R.'   1 0000-0003-0874-9043 
'Raskatov, J.A.' 2 0000-0002-0082-9113 
'Hazari, A.'     3 0009-0005-2071-1322 
# 
_citation.abstract                  ? 
_citation.abstract_id_CAS           ? 
_citation.book_id_ISBN              ? 
_citation.book_publisher            ? 
_citation.book_publisher_city       ? 
_citation.book_title                ? 
_citation.coordinate_linkage        ? 
_citation.country                   UK 
_citation.database_id_Medline       ? 
_citation.details                   ? 
_citation.id                        primary 
_citation.journal_abbrev            'Chem Sci' 
_citation.journal_id_ASTM           ? 
_citation.journal_id_CSD            ? 
_citation.journal_id_ISSN           2041-6520 
_citation.journal_full              ? 
_citation.journal_issue             ? 
_citation.journal_volume            16 
_citation.language                  ? 
_citation.page_first                5907 
_citation.page_last                 5917 
_citation.title                     
;Formation of rippled beta-sheets from mixed chirality linear and cyclic peptides-new structural motifs based on the pauling-corey rippled beta-sheet.
;
_citation.year                      2025 
_citation.database_id_CSD           ? 
_citation.pdbx_database_id_DOI      10.1039/d4sc08079c 
_citation.pdbx_database_id_PubMed   40060095 
_citation.pdbx_database_id_patent   ? 
_citation.unpublished_flag          ? 
# 
loop_
_citation_author.citation_id 
_citation_author.name 
_citation_author.ordinal 
_citation_author.identifier_ORCID 
primary 'Hazari, A.'        1 ? 
primary 'Sawaya, M.R.'      2 ? 
primary 'Lee, H.'           3 ? 
primary 'Sajimon, M.'       4 ? 
primary 'Kim, H.'           5 ? 
primary 'Goddard Iii, W.A.' 6 ? 
primary 'Eisenberg, D.'     7 ? 
primary 'Raskatov, J.A.'    8 ? 
# 
loop_
_entity.id 
_entity.type 
_entity.src_method 
_entity.pdbx_description 
_entity.formula_weight 
_entity.pdbx_number_of_molecules 
_entity.pdbx_ec 
_entity.pdbx_mutation 
_entity.pdbx_fragment 
_entity.details 
1 polymer     syn 'VVGGVV-amidated racemic mixture' 526.650 1 ? ? ? ? 
2 non-polymer syn 'pentafluoropropanoic acid'       164.031 1 ? ? ? ? 
# 
_entity_poly.entity_id                      1 
_entity_poly.type                           'polypeptide(L)' 
_entity_poly.nstd_linkage                   no 
_entity_poly.nstd_monomer                   yes 
_entity_poly.pdbx_seq_one_letter_code       'VVGGVV(NH2)' 
_entity_poly.pdbx_seq_one_letter_code_can   VVGGVVX 
_entity_poly.pdbx_strand_id                 A 
_entity_poly.pdbx_target_identifier         ? 
# 
_pdbx_entity_nonpoly.entity_id   2 
_pdbx_entity_nonpoly.name        'pentafluoropropanoic acid' 
_pdbx_entity_nonpoly.comp_id     YWK 
# 
loop_
_entity_poly_seq.entity_id 
_entity_poly_seq.num 
_entity_poly_seq.mon_id 
_entity_poly_seq.hetero 
1 1 VAL n 
1 2 VAL n 
1 3 GLY n 
1 4 GLY n 
1 5 VAL n 
1 6 VAL n 
1 7 NH2 n 
# 
_pdbx_entity_src_syn.entity_id              1 
_pdbx_entity_src_syn.pdbx_src_id            1 
_pdbx_entity_src_syn.pdbx_alt_source_flag   sample 
_pdbx_entity_src_syn.pdbx_beg_seq_num       1 
_pdbx_entity_src_syn.pdbx_end_seq_num       7 
_pdbx_entity_src_syn.organism_scientific    'synthetic construct' 
_pdbx_entity_src_syn.organism_common_name   ? 
_pdbx_entity_src_syn.ncbi_taxonomy_id       32630 
_pdbx_entity_src_syn.details                ? 
# 
loop_
_chem_comp.id 
_chem_comp.type 
_chem_comp.mon_nstd_flag 
_chem_comp.name 
_chem_comp.pdbx_synonyms 
_chem_comp.formula 
_chem_comp.formula_weight 
GLY 'peptide linking'   y GLYCINE                     ? 'C2 H5 N O2'  75.067  
NH2 non-polymer         . 'AMINO GROUP'               ? 'H2 N'        16.023  
VAL 'L-peptide linking' y VALINE                      ? 'C5 H11 N O2' 117.146 
YWK non-polymer         . 'pentafluoropropanoic acid' ? 'C3 H F5 O2'  164.031 
# 
loop_
_pdbx_poly_seq_scheme.asym_id 
_pdbx_poly_seq_scheme.entity_id 
_pdbx_poly_seq_scheme.seq_id 
_pdbx_poly_seq_scheme.mon_id 
_pdbx_poly_seq_scheme.ndb_seq_num 
_pdbx_poly_seq_scheme.pdb_seq_num 
_pdbx_poly_seq_scheme.auth_seq_num 
_pdbx_poly_seq_scheme.pdb_mon_id 
_pdbx_poly_seq_scheme.auth_mon_id 
_pdbx_poly_seq_scheme.pdb_strand_id 
_pdbx_poly_seq_scheme.pdb_ins_code 
_pdbx_poly_seq_scheme.hetero 
A 1 1 VAL 1 1 1 VAL VAL A . n 
A 1 2 VAL 2 2 2 VAL VAL A . n 
A 1 3 GLY 3 3 3 GLY GLY A . n 
A 1 4 GLY 4 4 4 GLY GLY A . n 
A 1 5 VAL 5 5 5 VAL VAL A . n 
A 1 6 VAL 6 6 6 VAL VLM A . n 
A 1 7 NH2 7 7 6 NH2 VLM A . n 
# 
_pdbx_nonpoly_scheme.asym_id         B 
_pdbx_nonpoly_scheme.entity_id       2 
_pdbx_nonpoly_scheme.mon_id          YWK 
_pdbx_nonpoly_scheme.ndb_seq_num     1 
_pdbx_nonpoly_scheme.pdb_seq_num     101 
_pdbx_nonpoly_scheme.auth_seq_num    101 
_pdbx_nonpoly_scheme.pdb_mon_id      YWK 
_pdbx_nonpoly_scheme.auth_mon_id     YWK 
_pdbx_nonpoly_scheme.pdb_strand_id   A 
_pdbx_nonpoly_scheme.pdb_ins_code    . 
# 
loop_
_software.citation_id 
_software.classification 
_software.compiler_name 
_software.compiler_version 
_software.contact_author 
_software.contact_author_email 
_software.date 
_software.description 
_software.dependencies 
_software.hardware 
_software.language 
_software.location 
_software.mods 
_software.name 
_software.os 
_software.os_version 
_software.type 
_software.version 
_software.pdbx_ordinal 
? refinement       ? ? ? ? ? ? ? ? ? ? ? PHENIX ? ? ? 1.21_5207 1 
? 'data scaling'   ? ? ? ? ? ? ? ? ? ? ? XSCALE ? ? ? 20230630  2 
? 'data reduction' ? ? ? ? ? ? ? ? ? ? ? XDS    ? ? ? 20230630  3 
? phasing          ? ? ? ? ? ? ? ? ? ? ? SHELXD ? ? ? 2013/2    4 
# 
_cell.angle_alpha                  76.000 
_cell.angle_alpha_esd              ? 
_cell.angle_beta                   89.290 
_cell.angle_beta_esd               ? 
_cell.angle_gamma                  88.490 
_cell.angle_gamma_esd              ? 
_cell.entry_id                     9DYX 
_cell.details                      ? 
_cell.formula_units_Z              ? 
_cell.length_a                     12.290 
_cell.length_a_esd                 ? 
_cell.length_b                     12.460 
_cell.length_b_esd                 ? 
_cell.length_c                     11.780 
_cell.length_c_esd                 ? 
_cell.volume                       1749.686 
_cell.volume_esd                   ? 
_cell.Z_PDB                        2 
_cell.reciprocal_angle_alpha       ? 
_cell.reciprocal_angle_beta        ? 
_cell.reciprocal_angle_gamma       ? 
_cell.reciprocal_angle_alpha_esd   ? 
_cell.reciprocal_angle_beta_esd    ? 
_cell.reciprocal_angle_gamma_esd   ? 
_cell.reciprocal_length_a          ? 
_cell.reciprocal_length_b          ? 
_cell.reciprocal_length_c          ? 
_cell.reciprocal_length_a_esd      ? 
_cell.reciprocal_length_b_esd      ? 
_cell.reciprocal_length_c_esd      ? 
_cell.pdbx_unique_axis             ? 
_cell.pdbx_esd_method              ? 
# 
_symmetry.entry_id                         9DYX 
_symmetry.cell_setting                     ? 
_symmetry.Int_Tables_number                2 
_symmetry.space_group_name_Hall            '-P 1' 
_symmetry.space_group_name_H-M             'P -1' 
_symmetry.pdbx_full_space_group_name_H-M   ? 
# 
_exptl.absorpt_coefficient_mu     ? 
_exptl.absorpt_correction_T_max   ? 
_exptl.absorpt_correction_T_min   ? 
_exptl.absorpt_correction_type    ? 
_exptl.absorpt_process_details    ? 
_exptl.entry_id                   9DYX 
_exptl.crystals_number            1 
_exptl.details                    ? 
_exptl.method                     'X-RAY DIFFRACTION' 
_exptl.method_details             ? 
# 
_exptl_crystal.colour                       ? 
_exptl_crystal.density_diffrn               ? 
_exptl_crystal.density_Matthews             1.66 
_exptl_crystal.density_method               ? 
_exptl_crystal.density_percent_sol          25.81 
_exptl_crystal.description                  ? 
_exptl_crystal.F_000                        ? 
_exptl_crystal.id                           1 
_exptl_crystal.preparation                  ? 
_exptl_crystal.size_max                     ? 
_exptl_crystal.size_mid                     ? 
_exptl_crystal.size_min                     ? 
_exptl_crystal.size_rad                     ? 
_exptl_crystal.colour_lustre                ? 
_exptl_crystal.colour_modifier              ? 
_exptl_crystal.colour_primary               ? 
_exptl_crystal.density_meas                 ? 
_exptl_crystal.density_meas_esd             ? 
_exptl_crystal.density_meas_gt              ? 
_exptl_crystal.density_meas_lt              ? 
_exptl_crystal.density_meas_temp            ? 
_exptl_crystal.density_meas_temp_esd        ? 
_exptl_crystal.density_meas_temp_gt         ? 
_exptl_crystal.density_meas_temp_lt         ? 
_exptl_crystal.pdbx_crystal_image_url       ? 
_exptl_crystal.pdbx_crystal_image_format    ? 
_exptl_crystal.pdbx_mosaicity               ? 
_exptl_crystal.pdbx_mosaicity_esd           ? 
_exptl_crystal.pdbx_mosaic_method           ? 
_exptl_crystal.pdbx_mosaic_block_size       ? 
_exptl_crystal.pdbx_mosaic_block_size_esd   ? 
# 
_exptl_crystal_grow.apparatus       ? 
_exptl_crystal_grow.atmosphere      ? 
_exptl_crystal_grow.crystal_id      1 
_exptl_crystal_grow.details         ? 
_exptl_crystal_grow.method          'BATCH MODE' 
_exptl_crystal_grow.method_ref      ? 
_exptl_crystal_grow.pH              ? 
_exptl_crystal_grow.pressure        ? 
_exptl_crystal_grow.pressure_esd    ? 
_exptl_crystal_grow.seeding         ? 
_exptl_crystal_grow.seeding_ref     ? 
_exptl_crystal_grow.temp_details    ? 
_exptl_crystal_grow.temp_esd        ? 
_exptl_crystal_grow.time            ? 
_exptl_crystal_grow.pdbx_details    'hexafluoroisopropanol and water' 
_exptl_crystal_grow.pdbx_pH_range   3-4 
_exptl_crystal_grow.temp            298 
# 
_diffrn.ambient_environment              ? 
_diffrn.ambient_temp                     100 
_diffrn.ambient_temp_details             ? 
_diffrn.ambient_temp_esd                 ? 
_diffrn.crystal_id                       1 
_diffrn.crystal_support                  ? 
_diffrn.crystal_treatment                ? 
_diffrn.details                          ? 
_diffrn.id                               1 
_diffrn.ambient_pressure                 ? 
_diffrn.ambient_pressure_esd             ? 
_diffrn.ambient_pressure_gt              ? 
_diffrn.ambient_pressure_lt              ? 
_diffrn.ambient_temp_gt                  ? 
_diffrn.ambient_temp_lt                  ? 
_diffrn.pdbx_serial_crystal_experiment   N 
# 
_diffrn_detector.details                      ? 
_diffrn_detector.detector                     PIXEL 
_diffrn_detector.diffrn_id                    1 
_diffrn_detector.type                         'DECTRIS EIGER X 16M' 
_diffrn_detector.area_resol_mean              ? 
_diffrn_detector.dtime                        ? 
_diffrn_detector.pdbx_frames_total            ? 
_diffrn_detector.pdbx_collection_time_total   ? 
_diffrn_detector.pdbx_collection_date         2024-03-03 
_diffrn_detector.pdbx_frequency               ? 
_diffrn_detector.id                           ? 
_diffrn_detector.number_of_axes               ? 
# 
_diffrn_radiation.collimation                      ? 
_diffrn_radiation.diffrn_id                        1 
_diffrn_radiation.filter_edge                      ? 
_diffrn_radiation.inhomogeneity                    ? 
_diffrn_radiation.monochromator                    ? 
_diffrn_radiation.polarisn_norm                    ? 
_diffrn_radiation.polarisn_ratio                   ? 
_diffrn_radiation.probe                            ? 
_diffrn_radiation.type                             ? 
_diffrn_radiation.xray_symbol                      ? 
_diffrn_radiation.wavelength_id                    1 
_diffrn_radiation.pdbx_monochromatic_or_laue_m_l   M 
_diffrn_radiation.pdbx_wavelength_list             ? 
_diffrn_radiation.pdbx_wavelength                  ? 
_diffrn_radiation.pdbx_diffrn_protocol             'SINGLE WAVELENGTH' 
_diffrn_radiation.pdbx_analyzer                    ? 
_diffrn_radiation.pdbx_scattering_type             x-ray 
# 
_diffrn_radiation_wavelength.id           1 
_diffrn_radiation_wavelength.wavelength   0.979330 
_diffrn_radiation_wavelength.wt           1.0 
# 
_diffrn_source.current                     ? 
_diffrn_source.details                     ? 
_diffrn_source.diffrn_id                   1 
_diffrn_source.power                       ? 
_diffrn_source.size                        ? 
_diffrn_source.source                      SYNCHROTRON 
_diffrn_source.target                      ? 
_diffrn_source.type                        'NSLS-II BEAMLINE 17-ID-2' 
_diffrn_source.voltage                     ? 
_diffrn_source.take-off_angle              ? 
_diffrn_source.pdbx_wavelength_list        0.979330 
_diffrn_source.pdbx_wavelength             ? 
_diffrn_source.pdbx_synchrotron_beamline   17-ID-2 
_diffrn_source.pdbx_synchrotron_site       NSLS-II 
# 
_reflns.B_iso_Wilson_estimate                          46.91 
_reflns.entry_id                                       9DYX 
_reflns.data_reduction_details                         ? 
_reflns.data_reduction_method                          ? 
_reflns.d_resolution_high                              1.1 
_reflns.d_resolution_low                               12.29 
_reflns.details                                        ? 
_reflns.limit_h_max                                    ? 
_reflns.limit_h_min                                    ? 
_reflns.limit_k_max                                    ? 
_reflns.limit_k_min                                    ? 
_reflns.limit_l_max                                    ? 
_reflns.limit_l_min                                    ? 
_reflns.number_all                                     ? 
_reflns.number_obs                                     2331 
_reflns.observed_criterion                             ? 
_reflns.observed_criterion_F_max                       ? 
_reflns.observed_criterion_F_min                       ? 
_reflns.observed_criterion_I_max                       ? 
_reflns.observed_criterion_I_min                       ? 
_reflns.observed_criterion_sigma_F                     ? 
_reflns.observed_criterion_sigma_I                     ? 
_reflns.percent_possible_obs                           84.7 
_reflns.R_free_details                                 ? 
_reflns.Rmerge_F_all                                   ? 
_reflns.Rmerge_F_obs                                   ? 
_reflns.Friedel_coverage                               ? 
_reflns.number_gt                                      ? 
_reflns.threshold_expression                           ? 
_reflns.pdbx_redundancy                                1.6 
_reflns.pdbx_netI_over_av_sigmaI                       ? 
_reflns.pdbx_netI_over_sigmaI                          3.82 
_reflns.pdbx_res_netI_over_av_sigmaI_2                 ? 
_reflns.pdbx_res_netI_over_sigmaI_2                    ? 
_reflns.pdbx_chi_squared                               ? 
_reflns.pdbx_scaling_rejects                           ? 
_reflns.pdbx_d_res_high_opt                            ? 
_reflns.pdbx_d_res_low_opt                             ? 
_reflns.pdbx_d_res_opt_method                          ? 
_reflns.phase_calculation_details                      ? 
_reflns.pdbx_Rrim_I_all                                0.113 
_reflns.pdbx_Rpim_I_all                                ? 
_reflns.pdbx_d_opt                                     ? 
_reflns.pdbx_number_measured_all                       ? 
_reflns.pdbx_diffrn_id                                 1 
_reflns.pdbx_ordinal                                   1 
_reflns.pdbx_CC_half                                   0.992 
_reflns.pdbx_CC_star                                   ? 
_reflns.pdbx_R_split                                   ? 
_reflns.pdbx_Rmerge_I_obs                              0.08 
_reflns.pdbx_Rmerge_I_all                              ? 
_reflns.pdbx_Rsym_value                                ? 
_reflns.pdbx_CC_split_method                           ? 
_reflns.pdbx_aniso_diffraction_limit_axis_1_ortho[1]   ? 
_reflns.pdbx_aniso_diffraction_limit_axis_1_ortho[2]   ? 
_reflns.pdbx_aniso_diffraction_limit_axis_1_ortho[3]   ? 
_reflns.pdbx_aniso_diffraction_limit_axis_2_ortho[1]   ? 
_reflns.pdbx_aniso_diffraction_limit_axis_2_ortho[2]   ? 
_reflns.pdbx_aniso_diffraction_limit_axis_2_ortho[3]   ? 
_reflns.pdbx_aniso_diffraction_limit_axis_3_ortho[1]   ? 
_reflns.pdbx_aniso_diffraction_limit_axis_3_ortho[2]   ? 
_reflns.pdbx_aniso_diffraction_limit_axis_3_ortho[3]   ? 
_reflns.pdbx_aniso_diffraction_limit_1                 ? 
_reflns.pdbx_aniso_diffraction_limit_2                 ? 
_reflns.pdbx_aniso_diffraction_limit_3                 ? 
_reflns.pdbx_aniso_B_tensor_eigenvector_1_ortho[1]     ? 
_reflns.pdbx_aniso_B_tensor_eigenvector_1_ortho[2]     ? 
_reflns.pdbx_aniso_B_tensor_eigenvector_1_ortho[3]     ? 
_reflns.pdbx_aniso_B_tensor_eigenvector_2_ortho[1]     ? 
_reflns.pdbx_aniso_B_tensor_eigenvector_2_ortho[2]     ? 
_reflns.pdbx_aniso_B_tensor_eigenvector_2_ortho[3]     ? 
_reflns.pdbx_aniso_B_tensor_eigenvector_3_ortho[1]     ? 
_reflns.pdbx_aniso_B_tensor_eigenvector_3_ortho[2]     ? 
_reflns.pdbx_aniso_B_tensor_eigenvector_3_ortho[3]     ? 
_reflns.pdbx_aniso_B_tensor_eigenvalue_1               ? 
_reflns.pdbx_aniso_B_tensor_eigenvalue_2               ? 
_reflns.pdbx_aniso_B_tensor_eigenvalue_3               ? 
_reflns.pdbx_orthogonalization_convention              ? 
_reflns.pdbx_percent_possible_ellipsoidal              ? 
_reflns.pdbx_percent_possible_spherical                ? 
_reflns.pdbx_percent_possible_ellipsoidal_anomalous    ? 
_reflns.pdbx_percent_possible_spherical_anomalous      ? 
_reflns.pdbx_redundancy_anomalous                      ? 
_reflns.pdbx_CC_half_anomalous                         ? 
_reflns.pdbx_absDiff_over_sigma_anomalous              ? 
_reflns.pdbx_percent_possible_anomalous                ? 
_reflns.pdbx_observed_signal_threshold                 ? 
_reflns.pdbx_signal_type                               ? 
_reflns.pdbx_signal_details                            ? 
_reflns.pdbx_signal_software_id                        ? 
# 
loop_
_reflns_shell.d_res_high 
_reflns_shell.d_res_low 
_reflns_shell.meanI_over_sigI_all 
_reflns_shell.meanI_over_sigI_obs 
_reflns_shell.number_measured_all 
_reflns_shell.number_measured_obs 
_reflns_shell.number_possible 
_reflns_shell.number_unique_all 
_reflns_shell.number_unique_obs 
_reflns_shell.percent_possible_obs 
_reflns_shell.Rmerge_F_all 
_reflns_shell.Rmerge_F_obs 
_reflns_shell.meanI_over_sigI_gt 
_reflns_shell.meanI_over_uI_all 
_reflns_shell.meanI_over_uI_gt 
_reflns_shell.number_measured_gt 
_reflns_shell.number_unique_gt 
_reflns_shell.percent_possible_gt 
_reflns_shell.Rmerge_F_gt 
_reflns_shell.Rmerge_I_gt 
_reflns_shell.pdbx_redundancy 
_reflns_shell.pdbx_chi_squared 
_reflns_shell.pdbx_netI_over_sigmaI_all 
_reflns_shell.pdbx_netI_over_sigmaI_obs 
_reflns_shell.pdbx_Rrim_I_all 
_reflns_shell.pdbx_Rpim_I_all 
_reflns_shell.pdbx_rejects 
_reflns_shell.pdbx_ordinal 
_reflns_shell.pdbx_diffrn_id 
_reflns_shell.pdbx_CC_half 
_reflns_shell.pdbx_CC_star 
_reflns_shell.pdbx_R_split 
_reflns_shell.percent_possible_all 
_reflns_shell.Rmerge_I_all 
_reflns_shell.Rmerge_I_obs 
_reflns_shell.pdbx_Rsym_value 
_reflns_shell.pdbx_percent_possible_ellipsoidal 
_reflns_shell.pdbx_percent_possible_spherical 
_reflns_shell.pdbx_percent_possible_ellipsoidal_anomalous 
_reflns_shell.pdbx_percent_possible_spherical_anomalous 
_reflns_shell.pdbx_redundancy_anomalous 
_reflns_shell.pdbx_CC_half_anomalous 
_reflns_shell.pdbx_absDiff_over_sigma_anomalous 
_reflns_shell.pdbx_percent_possible_anomalous 
1.10 1.13  ? ? ? ? ? ? 102 ? ? ? ? ? ? ? ? ? ? ? ? ? ? ? 0.604 ? ? 1  1 0.764 ? ? ? ? 0.427 ? ? ? ? ? ? ? ? ? 
1.13 1.16  ? ? ? ? ? ? 117 ? ? ? ? ? ? ? ? ? ? ? ? ? ? ? 0.228 ? ? 2  1 0.989 ? ? ? ? 0.161 ? ? ? ? ? ? ? ? ? 
1.16 1.19  ? ? ? ? ? ? 162 ? ? ? ? ? ? ? ? ? ? ? ? ? ? ? 0.413 ? ? 3  1 0.927 ? ? ? ? 0.292 ? ? ? ? ? ? ? ? ? 
1.19 1.23  ? ? ? ? ? ? 165 ? ? ? ? ? ? ? ? ? ? ? ? ? ? ? 0.311 ? ? 4  1 0.944 ? ? ? ? 0.22  ? ? ? ? ? ? ? ? ? 
1.23 1.27  ? ? ? ? ? ? 150 ? ? ? ? ? ? ? ? ? ? ? ? ? ? ? 0.289 ? ? 5  1 0.955 ? ? ? ? 0.205 ? ? ? ? ? ? ? ? ? 
1.27 1.32  ? ? ? ? ? ? 158 ? ? ? ? ? ? ? ? ? ? ? ? ? ? ? 0.257 ? ? 6  1 0.959 ? ? ? ? 0.182 ? ? ? ? ? ? ? ? ? 
1.32 1.37  ? ? ? ? ? ? 164 ? ? ? ? ? ? ? ? ? ? ? ? ? ? ? 0.255 ? ? 7  1 0.956 ? ? ? ? 0.181 ? ? ? ? ? ? ? ? ? 
1.37 1.42  ? ? ? ? ? ? 138 ? ? ? ? ? ? ? ? ? ? ? ? ? ? ? 0.187 ? ? 8  1 0.981 ? ? ? ? 0.133 ? ? ? ? ? ? ? ? ? 
1.42 1.49  ? ? ? ? ? ? 143 ? ? ? ? ? ? ? ? ? ? ? ? ? ? ? 0.226 ? ? 9  1 0.945 ? ? ? ? 0.16  ? ? ? ? ? ? ? ? ? 
1.49 1.56  ? ? ? ? ? ? 143 ? ? ? ? ? ? ? ? ? ? ? ? ? ? ? 0.124 ? ? 10 1 0.992 ? ? ? ? 0.088 ? ? ? ? ? ? ? ? ? 
1.56 1.64  ? ? ? ? ? ? 119 ? ? ? ? ? ? ? ? ? ? ? ? ? ? ? 0.201 ? ? 11 1 0.959 ? ? ? ? 0.142 ? ? ? ? ? ? ? ? ? 
1.64 1.74  ? ? ? ? ? ? 135 ? ? ? ? ? ? ? ? ? ? ? ? ? ? ? 0.105 ? ? 12 1 0.98  ? ? ? ? 0.074 ? ? ? ? ? ? ? ? ? 
1.74 1.86  ? ? ? ? ? ? 102 ? ? ? ? ? ? ? ? ? ? ? ? ? ? ? 0.133 ? ? 13 1 0.977 ? ? ? ? 0.094 ? ? ? ? ? ? ? ? ? 
1.86 2.01  ? ? ? ? ? ? 102 ? ? ? ? ? ? ? ? ? ? ? ? ? ? ? 0.1   ? ? 14 1 0.992 ? ? ? ? 0.071 ? ? ? ? ? ? ? ? ? 
2.01 2.2   ? ? ? ? ? ? 102 ? ? ? ? ? ? ? ? ? ? ? ? ? ? ? 0.14  ? ? 15 1 0.953 ? ? ? ? 0.099 ? ? ? ? ? ? ? ? ? 
2.20 2.46  ? ? ? ? ? ? 108 ? ? ? ? ? ? ? ? ? ? ? ? ? ? ? 0.135 ? ? 16 1 0.956 ? ? ? ? 0.095 ? ? ? ? ? ? ? ? ? 
2.46 2.84  ? ? ? ? ? ? 69  ? ? ? ? ? ? ? ? ? ? ? ? ? ? ? 0.134 ? ? 17 1 0.982 ? ? ? ? 0.095 ? ? ? ? ? ? ? ? ? 
2.84 3.48  ? ? ? ? ? ? 69  ? ? ? ? ? ? ? ? ? ? ? ? ? ? ? 0.14  ? ? 18 1 0.9   ? ? ? ? 0.099 ? ? ? ? ? ? ? ? ? 
3.48 4.93  ? ? ? ? ? ? 53  ? ? ? ? ? ? ? ? ? ? ? ? ? ? ? 0.093 ? ? 19 1 0.993 ? ? ? ? 0.066 ? ? ? ? ? ? ? ? ? 
4.93 12.29 ? ? ? ? ? ? 30  ? ? ? ? ? ? ? ? ? ? ? ? ? ? ? 0.047 ? ? 20 1 0.998 ? ? ? ? 0.033 ? ? ? ? ? ? ? ? ? 
# 
_refine.aniso_B[1][1]                            ? 
_refine.aniso_B[1][2]                            ? 
_refine.aniso_B[1][3]                            ? 
_refine.aniso_B[2][2]                            ? 
_refine.aniso_B[2][3]                            ? 
_refine.aniso_B[3][3]                            ? 
_refine.B_iso_max                                ? 
_refine.B_iso_mean                               12.06 
_refine.B_iso_min                                ? 
_refine.correlation_coeff_Fo_to_Fc               ? 
_refine.correlation_coeff_Fo_to_Fc_free          ? 
_refine.details                                  ? 
_refine.diff_density_max                         ? 
_refine.diff_density_max_esd                     ? 
_refine.diff_density_min                         ? 
_refine.diff_density_min_esd                     ? 
_refine.diff_density_rms                         ? 
_refine.diff_density_rms_esd                     ? 
_refine.entry_id                                 9DYX 
_refine.pdbx_refine_id                           'X-RAY DIFFRACTION' 
_refine.ls_abs_structure_details                 ? 
_refine.ls_abs_structure_Flack                   ? 
_refine.ls_abs_structure_Flack_esd               ? 
_refine.ls_abs_structure_Rogers                  ? 
_refine.ls_abs_structure_Rogers_esd              ? 
_refine.ls_d_res_high                            1.10 
_refine.ls_d_res_low                             12.29 
_refine.ls_extinction_coef                       ? 
_refine.ls_extinction_coef_esd                   ? 
_refine.ls_extinction_expression                 ? 
_refine.ls_extinction_method                     ? 
_refine.ls_goodness_of_fit_all                   ? 
_refine.ls_goodness_of_fit_all_esd               ? 
_refine.ls_goodness_of_fit_obs                   ? 
_refine.ls_goodness_of_fit_obs_esd               ? 
_refine.ls_hydrogen_treatment                    ? 
_refine.ls_matrix_type                           ? 
_refine.ls_number_constraints                    ? 
_refine.ls_number_parameters                     ? 
_refine.ls_number_reflns_all                     ? 
_refine.ls_number_reflns_obs                     2322 
_refine.ls_number_reflns_R_free                  232 
_refine.ls_number_reflns_R_work                  2090 
_refine.ls_number_restraints                     ? 
_refine.ls_percent_reflns_obs                    84.53 
_refine.ls_percent_reflns_R_free                 9.99 
_refine.ls_R_factor_all                          ? 
_refine.ls_R_factor_obs                          0.1788 
_refine.ls_R_factor_R_free                       0.1775 
_refine.ls_R_factor_R_free_error                 ? 
_refine.ls_R_factor_R_free_error_details         ? 
_refine.ls_R_factor_R_work                       0.1789 
_refine.ls_R_Fsqd_factor_obs                     ? 
_refine.ls_R_I_factor_obs                        ? 
_refine.ls_redundancy_reflns_all                 ? 
_refine.ls_redundancy_reflns_obs                 ? 
_refine.ls_restrained_S_all                      ? 
_refine.ls_restrained_S_obs                      ? 
_refine.ls_shift_over_esd_max                    ? 
_refine.ls_shift_over_esd_mean                   ? 
_refine.ls_structure_factor_coef                 ? 
_refine.ls_weighting_details                     ? 
_refine.ls_weighting_scheme                      ? 
_refine.ls_wR_factor_all                         ? 
_refine.ls_wR_factor_obs                         ? 
_refine.ls_wR_factor_R_free                      ? 
_refine.ls_wR_factor_R_work                      ? 
_refine.occupancy_max                            ? 
_refine.occupancy_min                            ? 
_refine.solvent_model_details                    'FLAT BULK SOLVENT MODEL' 
_refine.solvent_model_param_bsol                 ? 
_refine.solvent_model_param_ksol                 ? 
_refine.pdbx_R_complete                          ? 
_refine.ls_R_factor_gt                           ? 
_refine.ls_goodness_of_fit_gt                    ? 
_refine.ls_goodness_of_fit_ref                   ? 
_refine.ls_shift_over_su_max                     ? 
_refine.ls_shift_over_su_max_lt                  ? 
_refine.ls_shift_over_su_mean                    ? 
_refine.ls_shift_over_su_mean_lt                 ? 
_refine.pdbx_ls_sigma_I                          ? 
_refine.pdbx_ls_sigma_F                          1.35 
_refine.pdbx_ls_sigma_Fsqd                       ? 
_refine.pdbx_data_cutoff_high_absF               ? 
_refine.pdbx_data_cutoff_high_rms_absF           ? 
_refine.pdbx_data_cutoff_low_absF                ? 
_refine.pdbx_isotropic_thermal_model             ? 
_refine.pdbx_ls_cross_valid_method               'FREE R-VALUE' 
_refine.pdbx_method_to_determine_struct          'AB INITIO PHASING' 
_refine.pdbx_starting_model                      ? 
_refine.pdbx_stereochemistry_target_values       'GeoStd + Monomer Library + CDL v1.2' 
_refine.pdbx_R_Free_selection_details            ? 
_refine.pdbx_stereochem_target_val_spec_case     ? 
_refine.pdbx_overall_ESU_R                       ? 
_refine.pdbx_overall_ESU_R_Free                  ? 
_refine.pdbx_solvent_vdw_probe_radii             1.1000 
_refine.pdbx_solvent_ion_probe_radii             ? 
_refine.pdbx_solvent_shrinkage_radii             0.9000 
_refine.pdbx_real_space_R                        ? 
_refine.pdbx_density_correlation                 ? 
_refine.pdbx_pd_number_of_powder_patterns        ? 
_refine.pdbx_pd_number_of_points                 ? 
_refine.pdbx_pd_meas_number_of_points            ? 
_refine.pdbx_pd_proc_ls_prof_R_factor            ? 
_refine.pdbx_pd_proc_ls_prof_wR_factor           ? 
_refine.pdbx_pd_Marquardt_correlation_coeff      ? 
_refine.pdbx_pd_Fsqrd_R_factor                   ? 
_refine.pdbx_pd_ls_matrix_band_width             ? 
_refine.pdbx_overall_phase_error                 18.4667 
_refine.pdbx_overall_SU_R_free_Cruickshank_DPI   ? 
_refine.pdbx_overall_SU_R_free_Blow_DPI          ? 
_refine.pdbx_overall_SU_R_Blow_DPI               ? 
_refine.pdbx_TLS_residual_ADP_flag               ? 
_refine.pdbx_diffrn_id                           1 
_refine.overall_SU_B                             ? 
_refine.overall_SU_ML                            0.0639 
_refine.overall_SU_R_Cruickshank_DPI             ? 
_refine.overall_SU_R_free                        ? 
_refine.overall_FOM_free_R_set                   ? 
_refine.overall_FOM_work_R_set                   ? 
_refine.pdbx_average_fsc_overall                 ? 
_refine.pdbx_average_fsc_work                    ? 
_refine.pdbx_average_fsc_free                    ? 
# 
_refine_hist.pdbx_refine_id                   'X-RAY DIFFRACTION' 
_refine_hist.cycle_id                         LAST 
_refine_hist.details                          ? 
_refine_hist.d_res_high                       1.10 
_refine_hist.d_res_low                        12.29 
_refine_hist.number_atoms_solvent             0 
_refine_hist.number_atoms_total               47 
_refine_hist.number_reflns_all                ? 
_refine_hist.number_reflns_obs                ? 
_refine_hist.number_reflns_R_free             ? 
_refine_hist.number_reflns_R_work             ? 
_refine_hist.R_factor_all                     ? 
_refine_hist.R_factor_obs                     ? 
_refine_hist.R_factor_R_free                  ? 
_refine_hist.R_factor_R_work                  ? 
_refine_hist.pdbx_number_residues_total       ? 
_refine_hist.pdbx_B_iso_mean_ligand           ? 
_refine_hist.pdbx_B_iso_mean_solvent          ? 
_refine_hist.pdbx_number_atoms_protein        29 
_refine_hist.pdbx_number_atoms_nucleic_acid   0 
_refine_hist.pdbx_number_atoms_ligand         18 
_refine_hist.pdbx_number_atoms_lipid          ? 
_refine_hist.pdbx_number_atoms_carb           ? 
_refine_hist.pdbx_pseudo_atom_details         ? 
# 
loop_
_refine_ls_restr.pdbx_refine_id 
_refine_ls_restr.criterion 
_refine_ls_restr.dev_ideal 
_refine_ls_restr.dev_ideal_target 
_refine_ls_restr.number 
_refine_ls_restr.rejects 
_refine_ls_restr.type 
_refine_ls_restr.weight 
_refine_ls_restr.pdbx_restraint_function 
'X-RAY DIFFRACTION' ? 0.0122  ? 44 ? f_bond_d           ? ? 
'X-RAY DIFFRACTION' ? 1.9336  ? 61 ? f_angle_d          ? ? 
'X-RAY DIFFRACTION' ? 0.1022  ? 7  ? f_chiral_restr     ? ? 
'X-RAY DIFFRACTION' ? 0.0030  ? 6  ? f_plane_restr      ? ? 
'X-RAY DIFFRACTION' ? 17.0351 ? 9  ? f_dihedral_angle_d ? ? 
# 
loop_
_refine_ls_shell.pdbx_refine_id 
_refine_ls_shell.d_res_high 
_refine_ls_shell.d_res_low 
_refine_ls_shell.number_reflns_all 
_refine_ls_shell.number_reflns_obs 
_refine_ls_shell.number_reflns_R_free 
_refine_ls_shell.number_reflns_R_work 
_refine_ls_shell.percent_reflns_obs 
_refine_ls_shell.percent_reflns_R_free 
_refine_ls_shell.R_factor_all 
_refine_ls_shell.R_factor_obs 
_refine_ls_shell.R_factor_R_free_error 
_refine_ls_shell.R_factor_R_work 
_refine_ls_shell.redundancy_reflns_all 
_refine_ls_shell.redundancy_reflns_obs 
_refine_ls_shell.wR_factor_all 
_refine_ls_shell.wR_factor_obs 
_refine_ls_shell.wR_factor_R_free 
_refine_ls_shell.wR_factor_R_work 
_refine_ls_shell.pdbx_R_complete 
_refine_ls_shell.pdbx_total_number_of_bins_used 
_refine_ls_shell.pdbx_phase_error 
_refine_ls_shell.pdbx_fsc_work 
_refine_ls_shell.pdbx_fsc_free 
_refine_ls_shell.R_factor_R_free 
'X-RAY DIFFRACTION' 1.10 1.39  . . 106 958  77.33 . . . . 0.2731 . . . . . . . . . . . 0.2683 
'X-RAY DIFFRACTION' 1.39 12.29 . . 126 1132 91.76 . . . . 0.1592 . . . . . . . . . . . 0.1595 
# 
_struct.entry_id                     9DYX 
_struct.title                        'racemic mixture of peptide VVGGVV forms rippled sheets' 
_struct.pdbx_model_details           ? 
_struct.pdbx_formula_weight          ? 
_struct.pdbx_formula_weight_method   ? 
_struct.pdbx_model_type_details      ? 
_struct.pdbx_CASP_flag               N 
# 
_struct_keywords.entry_id        9DYX 
_struct_keywords.text            'rippled beta sheet, racemic mixture, PROTEIN FIBRIL' 
_struct_keywords.pdbx_keywords   'PROTEIN FIBRIL' 
# 
loop_
_struct_asym.id 
_struct_asym.pdbx_blank_PDB_chainid_flag 
_struct_asym.pdbx_modified 
_struct_asym.entity_id 
_struct_asym.details 
A N N 1 ? 
B N N 2 ? 
# 
_struct_ref.id                         1 
_struct_ref.db_name                    PDB 
_struct_ref.db_code                    9DYX 
_struct_ref.pdbx_db_accession          9DYX 
_struct_ref.pdbx_db_isoform            ? 
_struct_ref.entity_id                  1 
_struct_ref.pdbx_seq_one_letter_code   ? 
_struct_ref.pdbx_align_begin           1 
# 
_struct_ref_seq.align_id                      1 
_struct_ref_seq.ref_id                        1 
_struct_ref_seq.pdbx_PDB_id_code              9DYX 
_struct_ref_seq.pdbx_strand_id                A 
_struct_ref_seq.seq_align_beg                 1 
_struct_ref_seq.pdbx_seq_align_beg_ins_code   ? 
_struct_ref_seq.seq_align_end                 7 
_struct_ref_seq.pdbx_seq_align_end_ins_code   ? 
_struct_ref_seq.pdbx_db_accession             9DYX 
_struct_ref_seq.db_align_beg                  1 
_struct_ref_seq.pdbx_db_align_beg_ins_code    ? 
_struct_ref_seq.db_align_end                  7 
_struct_ref_seq.pdbx_db_align_end_ins_code    ? 
_struct_ref_seq.pdbx_auth_seq_align_beg       1 
_struct_ref_seq.pdbx_auth_seq_align_end       7 
# 
_pdbx_struct_assembly.id                   1 
_pdbx_struct_assembly.details              author_defined_assembly 
_pdbx_struct_assembly.method_details       ? 
_pdbx_struct_assembly.oligomeric_details   tetrameric 
_pdbx_struct_assembly.oligomeric_count     4 
# 
loop_
_pdbx_struct_assembly_gen.assembly_id 
_pdbx_struct_assembly_gen.oper_expression 
_pdbx_struct_assembly_gen.asym_id_list 
1 1 A,B 
1 2 A,B 
1 3 A,B 
1 4 A,B 
# 
_pdbx_struct_assembly_auth_evidence.id                     1 
_pdbx_struct_assembly_auth_evidence.assembly_id            1 
_pdbx_struct_assembly_auth_evidence.experimental_support   none 
_pdbx_struct_assembly_auth_evidence.details                ? 
# 
loop_
_pdbx_struct_oper_list.id 
_pdbx_struct_oper_list.type 
_pdbx_struct_oper_list.name 
_pdbx_struct_oper_list.symmetry_operation 
_pdbx_struct_oper_list.matrix[1][1] 
_pdbx_struct_oper_list.matrix[1][2] 
_pdbx_struct_oper_list.matrix[1][3] 
_pdbx_struct_oper_list.vector[1] 
_pdbx_struct_oper_list.matrix[2][1] 
_pdbx_struct_oper_list.matrix[2][2] 
_pdbx_struct_oper_list.matrix[2][3] 
_pdbx_struct_oper_list.vector[2] 
_pdbx_struct_oper_list.matrix[3][1] 
_pdbx_struct_oper_list.matrix[3][2] 
_pdbx_struct_oper_list.matrix[3][3] 
_pdbx_struct_oper_list.vector[3] 
1 'identity operation'         1_555 x,y,z   1.0000000000 0.0000000000 0.0000000000 0.0000000000  0.0000000000 1.0000000000 0.0000000000 0.0000000000  0.0000000000 0.0000000000 1.0000000000 0.0000000000   
2 'crystal symmetry operation' 1_545 x,y-1,z 1.0000000000 0.0000000000 0.0000000000 -0.7405526699 0.0000000000 1.0000000000 0.0000000000 1.5552958904  0.0000000000 0.0000000000 1.0000000000 -12.3403499317 
3 'crystal symmetry operation' 1_565 x,y+1,z 1.0000000000 0.0000000000 0.0000000000 0.7405526699  0.0000000000 1.0000000000 0.0000000000 -1.5552958904 0.0000000000 0.0000000000 1.0000000000 12.3403499317  
4 'crystal symmetry operation' 1_535 x,y-2,z 1.0000000000 0.0000000000 0.0000000000 -1.4811053399 0.0000000000 1.0000000000 0.0000000000 3.1105917807  0.0000000000 0.0000000000 1.0000000000 -24.6806998634 
# 
_struct_conn.id                            covale1 
_struct_conn.conn_type_id                  covale 
_struct_conn.pdbx_leaving_atom_flag        both 
_struct_conn.pdbx_PDB_id                   ? 
_struct_conn.ptnr1_label_asym_id           A 
_struct_conn.ptnr1_label_comp_id           VAL 
_struct_conn.ptnr1_label_seq_id            6 
_struct_conn.ptnr1_label_atom_id           C 
_struct_conn.pdbx_ptnr1_label_alt_id       ? 
_struct_conn.pdbx_ptnr1_PDB_ins_code       ? 
_struct_conn.pdbx_ptnr1_standard_comp_id   ? 
_struct_conn.ptnr1_symmetry                1_555 
_struct_conn.ptnr2_label_asym_id           A 
_struct_conn.ptnr2_label_comp_id           NH2 
_struct_conn.ptnr2_label_seq_id            7 
_struct_conn.ptnr2_label_atom_id           N 
_struct_conn.pdbx_ptnr2_label_alt_id       ? 
_struct_conn.pdbx_ptnr2_PDB_ins_code       ? 
_struct_conn.ptnr1_auth_asym_id            A 
_struct_conn.ptnr1_auth_comp_id            VAL 
_struct_conn.ptnr1_auth_seq_id             6 
_struct_conn.ptnr2_auth_asym_id            A 
_struct_conn.ptnr2_auth_comp_id            NH2 
_struct_conn.ptnr2_auth_seq_id             7 
_struct_conn.ptnr2_symmetry                1_555 
_struct_conn.pdbx_ptnr3_label_atom_id      ? 
_struct_conn.pdbx_ptnr3_label_seq_id       ? 
_struct_conn.pdbx_ptnr3_label_comp_id      ? 
_struct_conn.pdbx_ptnr3_label_asym_id      ? 
_struct_conn.pdbx_ptnr3_label_alt_id       ? 
_struct_conn.pdbx_ptnr3_PDB_ins_code       ? 
_struct_conn.details                       ? 
_struct_conn.pdbx_dist_value               1.327 
_struct_conn.pdbx_value_order              ? 
_struct_conn.pdbx_role                     ? 
# 
_struct_conn_type.id          covale 
_struct_conn_type.criteria    ? 
_struct_conn_type.reference   ? 
# 
_pdbx_modification_feature.ordinal                            1 
_pdbx_modification_feature.label_comp_id                      NH2 
_pdbx_modification_feature.label_asym_id                      A 
_pdbx_modification_feature.label_seq_id                       7 
_pdbx_modification_feature.label_alt_id                       ? 
_pdbx_modification_feature.modified_residue_label_comp_id     VAL 
_pdbx_modification_feature.modified_residue_label_asym_id     A 
_pdbx_modification_feature.modified_residue_label_seq_id      6 
_pdbx_modification_feature.modified_residue_label_alt_id      ? 
_pdbx_modification_feature.auth_comp_id                       NH2 
_pdbx_modification_feature.auth_asym_id                       A 
_pdbx_modification_feature.auth_seq_id                        7 
_pdbx_modification_feature.PDB_ins_code                       ? 
_pdbx_modification_feature.symmetry                           1_555 
_pdbx_modification_feature.modified_residue_auth_comp_id      VAL 
_pdbx_modification_feature.modified_residue_auth_asym_id      A 
_pdbx_modification_feature.modified_residue_auth_seq_id       6 
_pdbx_modification_feature.modified_residue_PDB_ins_code      ? 
_pdbx_modification_feature.modified_residue_symmetry          1_555 
_pdbx_modification_feature.comp_id_linking_atom               . 
_pdbx_modification_feature.modified_residue_id_linking_atom   . 
_pdbx_modification_feature.modified_residue_id                VAL 
_pdbx_modification_feature.ref_pcm_id                         2 
_pdbx_modification_feature.ref_comp_id                        NH2 
_pdbx_modification_feature.type                               None 
_pdbx_modification_feature.category                           'Terminal amidation' 
# 
_pdbx_entry_details.entry_id                   9DYX 
_pdbx_entry_details.nonpolymer_details         ? 
_pdbx_entry_details.sequence_details           ? 
_pdbx_entry_details.compound_details           ? 
_pdbx_entry_details.source_details             ? 
_pdbx_entry_details.has_ligand_of_interest     N 
_pdbx_entry_details.has_protein_modification   Y 
# 
loop_
_space_group_symop.id 
_space_group_symop.operation_xyz 
1 x,y,z    
2 -x,-y,-z 
# 
loop_
_chem_comp_atom.comp_id 
_chem_comp_atom.atom_id 
_chem_comp_atom.type_symbol 
_chem_comp_atom.pdbx_aromatic_flag 
_chem_comp_atom.pdbx_stereo_config 
_chem_comp_atom.pdbx_ordinal 
GLY N    N N N 1  
GLY CA   C N N 2  
GLY C    C N N 3  
GLY O    O N N 4  
GLY OXT  O N N 5  
GLY H    H N N 6  
GLY H2   H N N 7  
GLY HA2  H N N 8  
GLY HA3  H N N 9  
GLY HXT  H N N 10 
NH2 N    N N N 11 
NH2 HN1  H N N 12 
NH2 HN2  H N N 13 
VAL N    N N N 14 
VAL CA   C N S 15 
VAL C    C N N 16 
VAL O    O N N 17 
VAL CB   C N N 18 
VAL CG1  C N N 19 
VAL CG2  C N N 20 
VAL OXT  O N N 21 
VAL H    H N N 22 
VAL H2   H N N 23 
VAL HA   H N N 24 
VAL HB   H N N 25 
VAL HG11 H N N 26 
VAL HG12 H N N 27 
VAL HG13 H N N 28 
VAL HG21 H N N 29 
VAL HG22 H N N 30 
VAL HG23 H N N 31 
VAL HXT  H N N 32 
YWK C01  C N N 33 
YWK C02  C N N 34 
YWK C03  C N N 35 
YWK F01  F N N 36 
YWK F02  F N N 37 
YWK F03  F N N 38 
YWK F04  F N N 39 
YWK F05  F N N 40 
YWK O01  O N N 41 
YWK O02  O N N 42 
YWK H1   H N N 43 
# 
loop_
_chem_comp_bond.comp_id 
_chem_comp_bond.atom_id_1 
_chem_comp_bond.atom_id_2 
_chem_comp_bond.value_order 
_chem_comp_bond.pdbx_aromatic_flag 
_chem_comp_bond.pdbx_stereo_config 
_chem_comp_bond.pdbx_ordinal 
GLY N   CA   sing N N 1  
GLY N   H    sing N N 2  
GLY N   H2   sing N N 3  
GLY CA  C    sing N N 4  
GLY CA  HA2  sing N N 5  
GLY CA  HA3  sing N N 6  
GLY C   O    doub N N 7  
GLY C   OXT  sing N N 8  
GLY OXT HXT  sing N N 9  
NH2 N   HN1  sing N N 10 
NH2 N   HN2  sing N N 11 
VAL N   CA   sing N N 12 
VAL N   H    sing N N 13 
VAL N   H2   sing N N 14 
VAL CA  C    sing N N 15 
VAL CA  CB   sing N N 16 
VAL CA  HA   sing N N 17 
VAL C   O    doub N N 18 
VAL C   OXT  sing N N 19 
VAL CB  CG1  sing N N 20 
VAL CB  CG2  sing N N 21 
VAL CB  HB   sing N N 22 
VAL CG1 HG11 sing N N 23 
VAL CG1 HG12 sing N N 24 
VAL CG1 HG13 sing N N 25 
VAL CG2 HG21 sing N N 26 
VAL CG2 HG22 sing N N 27 
VAL CG2 HG23 sing N N 28 
VAL OXT HXT  sing N N 29 
YWK F04 C02  sing N N 30 
YWK F02 C01  sing N N 31 
YWK F03 C02  sing N N 32 
YWK C02 C01  sing N N 33 
YWK C02 F05  sing N N 34 
YWK F01 C01  sing N N 35 
YWK C01 C03  sing N N 36 
YWK C03 O02  doub N N 37 
YWK C03 O01  sing N N 38 
YWK O01 H1   sing N N 39 
# 
loop_
_pdbx_audit_support.funding_organization 
_pdbx_audit_support.country 
_pdbx_audit_support.grant_number 
_pdbx_audit_support.ordinal 
'National Institutes of Health/National Institute on Aging (NIH/NIA)' 'United States' R01AG070895 1 
'National Institutes of Health/National Institute on Aging (NIH/NIA)' 'United States' R01AG048120 2 
'National Institutes of Health/National Institute on Aging (NIH/NIA)' 'United States' R01AG074954 3 
# 
_space_group.name_H-M_alt     'P -1' 
_space_group.name_Hall        '-P 1' 
_space_group.IT_number        2 
_space_group.crystal_system   triclinic 
_space_group.id               1 
# 
_atom_sites.entry_id                    9DYX 
_atom_sites.Cartn_transf_matrix[1][1]   ? 
_atom_sites.Cartn_transf_matrix[1][2]   ? 
_atom_sites.Cartn_transf_matrix[1][3]   ? 
_atom_sites.Cartn_transf_matrix[2][1]   ? 
_atom_sites.Cartn_transf_matrix[2][2]   ? 
_atom_sites.Cartn_transf_matrix[2][3]   ? 
_atom_sites.Cartn_transf_matrix[3][1]   ? 
_atom_sites.Cartn_transf_matrix[3][2]   ? 
_atom_sites.Cartn_transf_matrix[3][3]   ? 
_atom_sites.Cartn_transf_vector[1]      ? 
_atom_sites.Cartn_transf_vector[2]      ? 
_atom_sites.Cartn_transf_vector[3]      ? 
_atom_sites.Cartn_transform_axes        ? 
_atom_sites.fract_transf_matrix[1][1]   -0.08036662 
_atom_sites.fract_transf_matrix[1][2]   0.01129738 
_atom_sites.fract_transf_matrix[1][3]   0.00624658 
_atom_sites.fract_transf_matrix[2][1]   0.00379396 
_atom_sites.fract_transf_matrix[2][2]   -0.02995337 
_atom_sites.fract_transf_matrix[2][3]   0.07703248 
_atom_sites.fract_transf_matrix[3][1]   0.01340024 
_atom_sites.fract_transf_matrix[3][2]   0.08587522 
_atom_sites.fract_transf_matrix[3][3]   0.01001899 
_atom_sites.fract_transf_vector[1]      0.502917 
_atom_sites.fract_transf_vector[2]      0.470979 
_atom_sites.fract_transf_vector[3]      -0.223431 
_atom_sites.solution_primary            ? 
_atom_sites.solution_secondary          ? 
_atom_sites.solution_hydrogens          ? 
_atom_sites.special_details             ? 
# 
loop_
_atom_type.symbol 
_atom_type.scat_dispersion_real 
_atom_type.scat_dispersion_imag 
_atom_type.scat_Cromer_Mann_a1 
_atom_type.scat_Cromer_Mann_a2 
_atom_type.scat_Cromer_Mann_a3 
_atom_type.scat_Cromer_Mann_a4 
_atom_type.scat_Cromer_Mann_b1 
_atom_type.scat_Cromer_Mann_b2 
_atom_type.scat_Cromer_Mann_b3 
_atom_type.scat_Cromer_Mann_b4 
_atom_type.scat_Cromer_Mann_c 
_atom_type.scat_source 
_atom_type.scat_dispersion_source 
C   ? ? 3.54356 2.42580 ?       ? 25.62398 1.50364  ?       ? 0.0 
;2-Gaussian fit: Grosse-Kunstleve RW, Sauter NK, Adams PD: Newsletter of the IUCr Commission on Crystallographic Computing 2004, 3, 22-31.
;
? 
F   ? ? 4.90428 4.07044 ?       ? 12.99538 1.63651  ?       ? 0.0 
;2-Gaussian fit: Grosse-Kunstleve RW, Sauter NK, Adams PD: Newsletter of the IUCr Commission on Crystallographic Computing 2004, 3, 22-31.
;
? 
H   ? ? 0.51345 0.48472 ?       ? 24.73122 6.32584  ?       ? 0.0 
;2-Gaussian fit: Grosse-Kunstleve RW, Sauter NK, Adams PD: Newsletter of the IUCr Commission on Crystallographic Computing 2004, 3, 22-31.
;
? 
N   ? ? 4.01032 2.96436 ?       ? 19.97189 1.75589  ?       ? 0.0 
;2-Gaussian fit: Grosse-Kunstleve RW, Sauter NK, Adams PD: Newsletter of the IUCr Commission on Crystallographic Computing 2004, 3, 22-31.
;
? 
O   ? ? 4.49882 3.47563 ?       ? 15.80542 1.70748  ?       ? 0.0 
;2-Gaussian fit: Grosse-Kunstleve RW, Sauter NK, Adams PD: Newsletter of the IUCr Commission on Crystallographic Computing 2004, 3, 22-31.
;
? 
O1- ? ? 4.31557 2.79156 1.86576 ? 8.03600  32.36470 0.29580 ? 0.0 
;3-Gaussian fit: Grosse-Kunstleve RW, Sauter NK, Adams PD: Newsletter of the IUCr Commission on Crystallographic Computing 2004, 3, 22-31.
;
? 
# 
loop_
_atom_site.group_PDB 
_atom_site.id 
_atom_site.type_symbol 
_atom_site.label_atom_id 
_atom_site.label_alt_id 
_atom_site.label_comp_id 
_atom_site.label_asym_id 
_atom_site.label_entity_id 
_atom_site.label_seq_id 
_atom_site.pdbx_PDB_ins_code 
_atom_site.Cartn_x 
_atom_site.Cartn_y 
_atom_site.Cartn_z 
_atom_site.occupancy 
_atom_site.B_iso_or_equiv 
_atom_site.pdbx_formal_charge 
_atom_site.auth_seq_id 
_atom_site.auth_comp_id 
_atom_site.auth_asym_id 
_atom_site.auth_atom_id 
_atom_site.pdbx_PDB_model_num 
ATOM   1  N N    . VAL A 1 1 ? -5.01494 -7.55121  4.18188  1.000 10.23191 ?  1   VAL A N    1 
ATOM   2  C CA   . VAL A 1 1 ? -4.13273 -6.42750  4.45623  1.000 10.17610 ?  1   VAL A CA   1 
ATOM   3  C C    . VAL A 1 1 ? -3.68550 -5.87636  3.11794  1.000 9.59363  ?  1   VAL A C    1 
ATOM   4  O O    . VAL A 1 1 ? -3.57002 -6.61123  2.16145  1.000 10.50761 ?  1   VAL A O    1 
ATOM   5  C CB   . VAL A 1 1 ? -2.94458 -6.83064  5.31350  1.000 11.58246 ?  1   VAL A CB   1 
ATOM   6  C CG1  . VAL A 1 1 ? -3.39452 -7.14596  6.72576  1.000 12.72696 ?  1   VAL A CG1  1 
ATOM   7  C CG2  . VAL A 1 1 ? -2.21926 -8.00445  4.68445  1.000 13.10787 ?  1   VAL A CG2  1 
ATOM   8  H H1   . VAL A 1 1 ? -5.11736 -8.08613  4.84744  1.000 12.27829 ?  1   VAL A H1   1 
ATOM   9  H H2   . VAL A 1 1 ? -4.69669 -8.04169  3.42324  1.000 12.27829 ?  1   VAL A H2   1 
ATOM   10 H H3   . VAL A 1 1 ? -5.89646 -7.22037  4.00167  1.000 12.27829 ?  1   VAL A H3   1 
ATOM   11 H HA   . VAL A 1 1 ? -4.60042 -5.74454  4.96191  1.000 12.21132 ?  1   VAL A HA   1 
ATOM   12 H HB   . VAL A 1 1 ? -2.31843 -6.09167  5.36606  1.000 13.89895 ?  1   VAL A HB   1 
ATOM   13 H HG11 . VAL A 1 1 ? -4.08189 -6.51331  6.98688  1.000 15.27235 ?  1   VAL A HG11 1 
ATOM   14 H HG12 . VAL A 1 1 ? -2.63382 -7.07323  7.32321  1.000 15.27235 ?  1   VAL A HG12 1 
ATOM   15 H HG13 . VAL A 1 1 ? -3.74916 -8.04847  6.75013  1.000 15.27235 ?  1   VAL A HG13 1 
ATOM   16 H HG21 . VAL A 1 1 ? -2.84861 -8.73071  4.55268  1.000 15.72944 ?  1   VAL A HG21 1 
ATOM   17 H HG22 . VAL A 1 1 ? -1.50544 -8.28865  5.27654  1.000 15.72944 ?  1   VAL A HG22 1 
ATOM   18 H HG23 . VAL A 1 1 ? -1.85059 -7.72732  3.83111  1.000 15.72944 ?  1   VAL A HG23 1 
ATOM   19 N N    . VAL A 1 2 ? -3.42035 -4.57790  3.04724  1.000 8.97399  ?  2   VAL A N    1 
ATOM   20 C CA   . VAL A 1 2 ? -3.02767 -3.96368  1.78753  1.000 8.77743  ?  2   VAL A CA   1 
ATOM   21 C C    . VAL A 1 2 ? -2.17175 -2.74479  2.09105  1.000 9.25718  ?  2   VAL A C    1 
ATOM   22 O O    . VAL A 1 2 ? -2.30096 -2.11918  3.14409  1.000 10.04945 ?  2   VAL A O    1 
ATOM   23 C CB   . VAL A 1 2 ? -4.28189 -3.63615  0.94266  1.000 10.57308 ?  2   VAL A CB   1 
ATOM   24 C CG1  . VAL A 1 2 ? -5.01448 -2.46064  1.51115  1.000 12.32429 ?  2   VAL A CG1  1 
ATOM   25 C CG2  . VAL A 1 2 ? -3.91517 -3.40639  -0.50946 1.000 12.36982 ?  2   VAL A CG2  1 
ATOM   26 H H    . VAL A 1 2 ? -3.46084 -4.03453  3.71261  1.000 10.76879 ?  2   VAL A H    1 
ATOM   27 H HA   . VAL A 1 2 ? -2.46789 -4.56274  1.26919  1.000 10.53292 ?  2   VAL A HA   1 
ATOM   28 H HB   . VAL A 1 2 ? -4.88107 -4.39836  0.97309  1.000 12.68770 ?  2   VAL A HB   1 
ATOM   29 H HG11 . VAL A 1 2 ? -5.01685 -2.52786  2.47882  1.000 14.78915 ?  2   VAL A HG11 1 
ATOM   30 H HG12 . VAL A 1 2 ? -5.92514 -2.46439  1.17710  1.000 14.78915 ?  2   VAL A HG12 1 
ATOM   31 H HG13 . VAL A 1 2 ? -4.56503 -1.64585  1.23727  1.000 14.78915 ?  2   VAL A HG13 1 
ATOM   32 H HG21 . VAL A 1 2 ? -3.37203 -2.60539  -0.57508 1.000 14.84378 ?  2   VAL A HG21 1 
ATOM   33 H HG22 . VAL A 1 2 ? -4.72827 -3.29803  -1.02718 1.000 14.84378 ?  2   VAL A HG22 1 
ATOM   34 H HG23 . VAL A 1 2 ? -3.41593 -4.17208  -0.83406 1.000 14.84378 ?  2   VAL A HG23 1 
ATOM   35 N N    . GLY A 1 3 ? -1.29770 -2.40307  1.15131  1.000 9.31555  ?  3   GLY A N    1 
ATOM   36 C CA   . GLY A 1 3 ? -0.51927 -1.19223  1.27549  1.000 9.60238  ?  3   GLY A CA   1 
ATOM   37 C C    . GLY A 1 3 ? -0.19578 -0.64287  -0.09112 1.000 10.19838 ?  3   GLY A C    1 
ATOM   38 O O    . GLY A 1 3 ? -0.22718 -1.34849  -1.10515 1.000 10.38576 ?  3   GLY A O    1 
ATOM   39 H H    . GLY A 1 3 ? -1.14199 -2.85724  0.43782  1.000 11.17866 ?  3   GLY A H    1 
ATOM   40 H HA2  . GLY A 1 3 ? -1.02047 -0.52662  1.77214  1.000 11.52286 ?  3   GLY A HA2  1 
ATOM   41 H HA3  . GLY A 1 3 ? 0.30915  -1.37856  1.74441  1.000 11.52286 ?  3   GLY A HA3  1 
ATOM   42 N N    . GLY A 1 4 ? 0.14079  0.63410   -0.09512 1.000 10.76346 ?  4   GLY A N    1 
ATOM   43 C CA   . GLY A 1 4 ? 0.49266  1.31174   -1.32627 1.000 11.66197 ?  4   GLY A CA   1 
ATOM   44 C C    . GLY A 1 4 ? 1.45310  2.43767   -1.05500 1.000 10.96627 ?  4   GLY A C    1 
ATOM   45 O O    . GLY A 1 4 ? 1.37864  3.10572   -0.02197 1.000 11.32014 ?  4   GLY A O    1 
ATOM   46 H H    . GLY A 1 4 ? 0.17318  1.13232   0.60512  1.000 12.91615 ?  4   GLY A H    1 
ATOM   47 H HA2  . GLY A 1 4 ? 0.90981  0.68540   -1.93829 1.000 13.99436 ?  4   GLY A HA2  1 
ATOM   48 H HA3  . GLY A 1 4 ? -0.30552 1.67460   -1.74116 1.000 13.99436 ?  4   GLY A HA3  1 
ATOM   49 N N    . VAL A 1 5 ? 2.34932  2.65420   -2.01341 1.000 10.35666 ?  5   VAL A N    1 
ATOM   50 C CA   . VAL A 1 5 ? 3.40361  3.65023   -1.93466 1.000 10.28085 ?  5   VAL A CA   1 
ATOM   51 C C    . VAL A 1 5 ? 3.44265  4.38484   -3.24604 1.000 10.07237 ?  5   VAL A C    1 
ATOM   52 O O    . VAL A 1 5 ? 3.46820  3.79883   -4.30186 1.000 10.91600 ?  5   VAL A O    1 
ATOM   53 C CB   . VAL A 1 5 ? 4.77333  3.00747   -1.67193 1.000 12.55621 ?  5   VAL A CB   1 
ATOM   54 C CG1  . VAL A 1 5 ? 5.85604  4.05348   -1.67850 1.000 13.99311 ?  5   VAL A CG1  1 
ATOM   55 C CG2  . VAL A 1 5 ? 4.75064  2.23447   -0.39317 1.000 14.69987 ?  5   VAL A CG2  1 
ATOM   56 H H    . VAL A 1 5 ? 2.36618  2.21501   -2.75263 1.000 12.42799 ?  5   VAL A H    1 
ATOM   57 H HA   . VAL A 1 5 ? 3.21978  4.25820   -1.20153 1.000 12.33702 ?  5   VAL A HA   1 
ATOM   58 H HB   . VAL A 1 5 ? 4.97657  2.38007   -2.38325 1.000 15.06746 ?  5   VAL A HB   1 
ATOM   59 H HG11 . VAL A 1 5 ? 6.13127  4.21735   -2.59408 1.000 16.79173 ?  5   VAL A HG11 1 
ATOM   60 H HG12 . VAL A 1 5 ? 6.60940  3.73146   -1.15921 1.000 16.79173 ?  5   VAL A HG12 1 
ATOM   61 H HG13 . VAL A 1 5 ? 5.50879  4.86988   -1.28632 1.000 16.79173 ?  5   VAL A HG13 1 
ATOM   62 H HG21 . VAL A 1 5 ? 4.44048  2.81362   0.32047  1.000 17.63985 ?  5   VAL A HG21 1 
ATOM   63 H HG22 . VAL A 1 5 ? 5.64740  1.92034   -0.19810 1.000 17.63985 ?  5   VAL A HG22 1 
ATOM   64 H HG23 . VAL A 1 5 ? 4.14967  1.47941   -0.49120 1.000 17.63985 ?  5   VAL A HG23 1 
ATOM   65 N N    . VAL A 1 6 ? 3.49285  5.79491   -3.11236 1.000 10.10427 ?  6   VAL A N    1 
ATOM   66 C CA   . VAL A 1 6 ? 3.78340  6.62143   -4.25831 1.000 10.01214 ?  6   VAL A CA   1 
ATOM   67 C C    . VAL A 1 6 ? 5.13288  7.26507   -3.97252 1.000 10.18266 ?  6   VAL A C    1 
ATOM   68 O O    . VAL A 1 6 ? 5.27703  8.02214   -3.00862 1.000 10.39899 ?  6   VAL A O    1 
ATOM   69 C CB   . VAL A 1 6 ? 2.71903  7.67906   -4.41427 1.000 11.57179 ?  6   VAL A CB   1 
ATOM   70 C CG1  . VAL A 1 6 ? 3.02035  8.56005   -5.61828 1.000 13.48995 ?  6   VAL A CG1  1 
ATOM   71 C CG2  . VAL A 1 6 ? 1.34164  7.06170   -4.60425 1.000 13.06215 ?  6   VAL A CG2  1 
ATOM   72 H H    . VAL A 1 6 ? 3.40991  6.23311   -2.37703 1.000 12.12513 ?  6   VAL A H    1 
ATOM   73 H HA   . VAL A 1 6 ? 3.79056  6.11461   -5.08534 1.000 12.01457 ?  6   VAL A HA   1 
ATOM   74 H HB   . VAL A 1 6 ? 2.71383  8.20685   -3.60044 1.000 13.88615 ?  6   VAL A HB   1 
ATOM   75 H HG11 . VAL A 1 6 ? 3.46968  8.04863   -6.30927 1.000 16.18794 ?  6   VAL A HG11 1 
ATOM   76 H HG12 . VAL A 1 6 ? 2.19979  8.92121   -5.98860 1.000 16.18794 ?  6   VAL A HG12 1 
ATOM   77 H HG13 . VAL A 1 6 ? 3.59326  9.29991   -5.36276 1.000 16.18794 ?  6   VAL A HG13 1 
ATOM   78 H HG21 . VAL A 1 6 ? 1.26251  6.57521   -5.43969 1.000 15.67458 ?  6   VAL A HG21 1 
ATOM   79 H HG22 . VAL A 1 6 ? 1.11511  6.43116   -3.90282 1.000 15.67458 ?  6   VAL A HG22 1 
ATOM   80 H HG23 . VAL A 1 6 ? 0.63312  7.72416   -4.61011 1.000 15.67458 ?  6   VAL A HG23 1 
HETATM 81 N N    . NH2 A 1 7 ? 6.11697  6.94538   -4.80366 1.000 10.91233 ?  7   NH2 A N    1 
HETATM 82 H HN1  . NH2 A 1 7 ? 5.99397  6.41197   -5.46921 1.000 13.09479 ?  7   NH2 A HN1  1 
HETATM 83 H HN2  . NH2 A 1 7 ? 6.90578  7.27384   -4.69914 1.000 13.09479 ?  7   NH2 A HN2  1 
HETATM 84 C C01  . YWK B 2 . ? -5.93974 -11.47350 6.91551  1.000 15.97912 ?  101 YWK A C01  1 
HETATM 85 C C02  . YWK B 2 . ? -4.49068 -11.39029 7.22457  1.000 16.55391 ?  101 YWK A C02  1 
HETATM 86 C C03  . YWK B 2 . ? -6.34719 -10.40472 5.91371  1.000 14.72538 ?  101 YWK A C03  1 
HETATM 87 F F01  . YWK B 2 . ? -6.10993 -12.70300 6.35126  1.000 16.31033 ?  101 YWK A F01  1 
HETATM 88 F F02  . YWK B 2 . ? -6.58169 -11.34414 8.11922  1.000 16.53931 ?  101 YWK A F02  1 
HETATM 89 F F03  . YWK B 2 . ? -4.21896 -12.40234 8.07836  1.000 16.46188 ?  101 YWK A F03  1 
HETATM 90 F F04  . YWK B 2 . ? -4.21593 -10.24845 7.90031  1.000 17.25493 ?  101 YWK A F04  1 
HETATM 91 F F05  . YWK B 2 . ? -3.84222 -11.44972 6.02185  1.000 17.52011 ?  101 YWK A F05  1 
HETATM 92 O O01  . YWK B 2 . ? -7.04861 -10.74970 4.92919  1.000 14.12749 -1 101 YWK A O01  1 
HETATM 93 O O02  . YWK B 2 . ? -6.00885 -9.21313  6.09768  1.000 14.05880 ?  101 YWK A O02  1 
# 
loop_
_atom_site_anisotrop.id 
_atom_site_anisotrop.type_symbol 
_atom_site_anisotrop.pdbx_label_atom_id 
_atom_site_anisotrop.pdbx_label_alt_id 
_atom_site_anisotrop.pdbx_label_comp_id 
_atom_site_anisotrop.pdbx_label_asym_id 
_atom_site_anisotrop.pdbx_label_seq_id 
_atom_site_anisotrop.pdbx_PDB_ins_code 
_atom_site_anisotrop.U[1][1] 
_atom_site_anisotrop.U[2][2] 
_atom_site_anisotrop.U[3][3] 
_atom_site_anisotrop.U[1][2] 
_atom_site_anisotrop.U[1][3] 
_atom_site_anisotrop.U[2][3] 
_atom_site_anisotrop.pdbx_auth_seq_id 
_atom_site_anisotrop.pdbx_auth_comp_id 
_atom_site_anisotrop.pdbx_auth_asym_id 
_atom_site_anisotrop.pdbx_auth_atom_id 
1  N N   . VAL A 1 ? 0.09412 0.14708 0.14757 0.02708 -0.02223 0.04603 1   VAL A N   
2  C CA  . VAL A 1 ? 0.09305 0.14687 0.14672 0.02478 -0.02941 0.04281 1   VAL A CA  
3  C C   . VAL A 1 ? 0.09209 0.12609 0.14634 0.03679 -0.03651 0.03618 1   VAL A C   
4  O O   . VAL A 1 ? 0.13724 0.11795 0.14404 0.02585 -0.01404 0.02056 1   VAL A O   
5  C CB  . VAL A 1 ? 0.11491 0.15597 0.16919 0.01756 -0.03818 0.05226 1   VAL A CB  
6  C CG1 . VAL A 1 ? 0.11858 0.17885 0.18614 0.01012 -0.04695 0.06480 1   VAL A CG1 
7  C CG2 . VAL A 1 ? 0.14526 0.15361 0.19918 0.03498 -0.05707 0.05841 1   VAL A CG2 
19 N N   . VAL A 2 ? 0.08040 0.13038 0.13020 0.03509 -0.03710 0.02729 2   VAL A N   
20 C CA  . VAL A 2 ? 0.08085 0.12900 0.12365 0.03253 -0.02938 0.03727 2   VAL A CA  
21 C C   . VAL A 2 ? 0.10528 0.12857 0.11789 0.04046 -0.03053 0.04140 2   VAL A C   
22 O O   . VAL A 2 ? 0.12321 0.13238 0.12625 0.02368 -0.01788 0.03423 2   VAL A O   
23 C CB  . VAL A 2 ? 0.09929 0.15956 0.14289 0.02998 -0.03312 0.05634 2   VAL A CB  
24 C CG1 . VAL A 2 ? 0.13201 0.18817 0.14808 0.05455 -0.02406 0.06348 2   VAL A CG1 
25 C CG2 . VAL A 2 ? 0.11628 0.18593 0.16779 0.03959 -0.05434 0.04542 2   VAL A CG2 
35 N N   . GLY A 3 ? 0.10486 0.13014 0.11896 0.03252 -0.03319 0.04012 3   GLY A N   
36 C CA  . GLY A 3 ? 0.10667 0.12095 0.13721 0.04111 -0.02983 0.04406 3   GLY A CA  
37 C C   . GLY A 3 ? 0.11431 0.13223 0.14096 0.03540 -0.02039 0.04471 3   GLY A C   
38 O O   . GLY A 3 ? 0.13308 0.12325 0.13828 0.03183 -0.01044 0.03882 3   GLY A O   
42 N N   . GLY A 4 ? 0.13364 0.13676 0.13855 0.02483 -0.00607 0.03840 4   GLY A N   
43 C CA  . GLY A 4 ? 0.15014 0.14396 0.14900 0.02697 -0.01094 0.04450 4   GLY A CA  
44 C C   . GLY A 4 ? 0.14254 0.12835 0.14578 0.02707 -0.01538 0.03645 4   GLY A C   
45 O O   . GLY A 4 ? 0.15697 0.13450 0.13865 0.02187 0.00405  0.02502 4   GLY A O   
49 N N   . VAL A 5 ? 0.12653 0.13434 0.13264 0.03226 -0.01349 0.03922 5   VAL A N   
50 C CA  . VAL A 5 ? 0.10015 0.14707 0.14340 0.02442 -0.04351 0.04297 5   VAL A CA  
51 C C   . VAL A 5 ? 0.08677 0.14777 0.14816 0.02921 -0.02701 0.03422 5   VAL A C   
52 O O   . VAL A 5 ? 0.13174 0.14159 0.14142 0.02622 -0.03064 0.03761 5   VAL A O   
53 C CB  . VAL A 5 ? 0.11773 0.19039 0.16897 0.03487 -0.05731 0.04734 5   VAL A CB  
54 C CG1 . VAL A 5 ? 0.11467 0.22652 0.19048 0.04217 -0.07074 0.00924 5   VAL A CG1 
55 C CG2 . VAL A 5 ? 0.14579 0.21692 0.19581 0.05952 -0.06254 0.04935 5   VAL A CG2 
65 N N   . VAL A 6 ? 0.08484 0.14728 0.15179 0.02623 -0.03046 0.02994 6   VAL A N   
66 C CA  . VAL A 6 ? 0.07672 0.15630 0.14739 0.02851 -0.03362 0.03772 6   VAL A CA  
67 C C   . VAL A 6 ? 0.09772 0.15948 0.12970 0.03905 -0.03016 0.04612 6   VAL A C   
68 O O   . VAL A 6 ? 0.10190 0.15514 0.13807 0.03654 -0.02160 0.03557 6   VAL A O   
69 C CB  . VAL A 6 ? 0.09456 0.16948 0.17565 0.03771 -0.04005 0.04366 6   VAL A CB  
70 C CG1 . VAL A 6 ? 0.11903 0.18331 0.21022 0.04846 -0.04951 0.04917 6   VAL A CG1 
71 C CG2 . VAL A 6 ? 0.10450 0.19264 0.19916 0.04613 -0.04831 0.03926 6   VAL A CG2 
81 N N   . NH2 A 7 ? 0.10852 0.17336 0.13274 0.03756 -0.02738 0.03326 7   NH2 A N   
84 C C01 . YWK B . ? 0.18593 0.20746 0.21375 0.04160 -0.05049 0.06530 101 YWK A C01 
85 C C02 . YWK B . ? 0.19075 0.20977 0.22845 0.02721 -0.05744 0.08316 101 YWK A C02 
86 C C03 . YWK B . ? 0.16199 0.20456 0.19295 0.02977 -0.03251 0.06565 101 YWK A C03 
87 F F01 . YWK B . ? 0.20257 0.17065 0.24650 0.03121 -0.08185 0.05839 101 YWK A F01 
88 F F02 . YWK B . ? 0.19129 0.25137 0.18576 0.03866 -0.01005 0.06690 101 YWK A F02 
89 F F03 . YWK B . ? 0.17508 0.20075 0.24965 0.02050 -0.06937 0.09650 101 YWK A F03 
90 F F04 . YWK B . ? 0.22192 0.20517 0.22852 0.00373 -0.07489 0.07579 101 YWK A F04 
91 F F05 . YWK B . ? 0.18657 0.26242 0.21669 0.03226 -0.01477 0.06566 101 YWK A F05 
92 O O01 . YWK B . ? 0.15621 0.20785 0.17272 0.06736 -0.02404 0.05577 101 YWK A O01 
93 O O02 . YWK B . ? 0.15657 0.18441 0.19319 0.01882 -0.01189 0.06326 101 YWK A O02 
# 
